data_4XUE
#
_entry.id   4XUE
#
_cell.length_a   55.043
_cell.length_b   113.190
_cell.length_c   113.818
_cell.angle_alpha   90.000
_cell.angle_beta   90.000
_cell.angle_gamma   90.000
#
_symmetry.space_group_name_H-M   'P 21 21 21'
#
loop_
_entity.id
_entity.type
_entity.pdbx_description
1 polymer 'Catechol O-methyltransferase'
2 non-polymer 2-(biphenyl-3-yl)-5-hydroxy-3-methylpyrimidin-4(3H)-one
3 non-polymer 'MAGNESIUM ION'
4 non-polymer S-ADENOSYLMETHIONINE
5 water water
#
_entity_poly.entity_id   1
_entity_poly.type   'polypeptide(L)'
_entity_poly.pdbx_seq_one_letter_code
;AGDTKEQRILNHVLQHAEPGNAQSVLEAIDTYCEQKEWAMNVGDKKGKIVDAVIQEHQPSVLLELGAYCGYSAVRMARLL
SPGARLITIEINPDCAAITQRMVDFAGVKDKVTLVVGASQDIIPQLKKKYDVDTLDMVFLDHWKDRYLPDTLLLEECGLL
RKGTVLLADNVICPGAPDFLAHVRGSSCFECTHYQSFLEYREVVDGLEKAIYKGP
;
_entity_poly.pdbx_strand_id   B,A
#
loop_
_chem_comp.id
_chem_comp.type
_chem_comp.name
_chem_comp.formula
43J non-polymer 2-(biphenyl-3-yl)-5-hydroxy-3-methylpyrimidin-4(3H)-one 'C17 H14 N2 O2'
MG non-polymer 'MAGNESIUM ION' 'Mg 2'
SAM non-polymer S-ADENOSYLMETHIONINE 'C15 H22 N6 O5 S'
#
# COMPACT_ATOMS: atom_id res chain seq x y z
N ALA A 1 -3.98 14.71 -3.65
CA ALA A 1 -4.78 15.96 -3.74
C ALA A 1 -4.35 17.00 -2.69
N GLY A 2 -4.42 16.61 -1.41
CA GLY A 2 -4.07 17.47 -0.27
C GLY A 2 -5.24 18.28 0.24
N ASP A 3 -6.44 17.99 -0.30
CA ASP A 3 -7.63 18.79 -0.05
C ASP A 3 -8.24 18.59 1.33
N THR A 4 -8.38 17.34 1.75
CA THR A 4 -8.87 16.99 3.09
C THR A 4 -7.70 16.58 4.00
N LYS A 5 -7.92 16.69 5.32
CA LYS A 5 -6.96 16.24 6.31
C LYS A 5 -6.57 14.78 6.09
N GLU A 6 -7.59 13.96 5.79
CA GLU A 6 -7.43 12.55 5.53
C GLU A 6 -6.49 12.28 4.35
N GLN A 7 -6.70 12.99 3.24
CA GLN A 7 -5.79 12.97 2.08
C GLN A 7 -4.36 13.43 2.46
N ARG A 8 -4.25 14.44 3.31
CA ARG A 8 -2.96 14.93 3.79
C ARG A 8 -2.23 13.93 4.71
N ILE A 9 -2.98 13.20 5.55
CA ILE A 9 -2.43 12.12 6.38
C ILE A 9 -1.90 11.01 5.47
N LEU A 10 -2.67 10.67 4.43
CA LEU A 10 -2.25 9.65 3.49
C LEU A 10 -0.99 10.08 2.70
N ASN A 11 -1.02 11.29 2.15
CA ASN A 11 0.14 11.87 1.45
C ASN A 11 1.41 11.79 2.29
N HIS A 12 1.29 12.09 3.58
CA HIS A 12 2.42 12.08 4.48
C HIS A 12 3.02 10.69 4.58
N VAL A 13 2.15 9.69 4.74
CA VAL A 13 2.54 8.28 4.71
C VAL A 13 3.22 7.90 3.36
N LEU A 14 2.62 8.30 2.25
CA LEU A 14 3.20 8.02 0.93
C LEU A 14 4.62 8.60 0.78
N GLN A 15 4.84 9.79 1.38
CA GLN A 15 6.12 10.47 1.36
C GLN A 15 7.18 9.98 2.35
N HIS A 16 6.77 9.39 3.48
CA HIS A 16 7.73 9.11 4.55
C HIS A 16 7.85 7.66 5.05
N ALA A 17 6.82 6.85 4.82
CA ALA A 17 6.83 5.48 5.34
C ALA A 17 7.39 4.48 4.33
N GLU A 18 7.91 3.38 4.85
CA GLU A 18 8.36 2.25 4.04
C GLU A 18 7.18 1.34 3.66
N PRO A 19 6.96 1.12 2.35
CA PRO A 19 5.89 0.21 1.93
C PRO A 19 6.09 -1.18 2.55
N GLY A 20 4.98 -1.83 2.91
CA GLY A 20 5.02 -3.19 3.43
C GLY A 20 5.46 -3.25 4.88
N ASN A 21 5.73 -2.08 5.46
CA ASN A 21 6.22 -1.99 6.81
C ASN A 21 5.13 -1.33 7.67
N ALA A 22 4.26 -2.16 8.26
CA ALA A 22 3.12 -1.65 9.06
C ALA A 22 3.54 -0.67 10.18
N GLN A 23 4.62 -0.99 10.89
CA GLN A 23 5.11 -0.12 11.97
C GLN A 23 5.53 1.27 11.49
N SER A 24 6.15 1.28 10.31
CA SER A 24 6.54 2.50 9.61
C SER A 24 5.34 3.39 9.27
N VAL A 25 4.25 2.77 8.78
CA VAL A 25 3.02 3.51 8.43
C VAL A 25 2.41 4.14 9.69
N LEU A 26 2.30 3.36 10.76
CA LEU A 26 1.74 3.81 12.03
C LEU A 26 2.54 4.98 12.65
N GLU A 27 3.88 4.86 12.67
CA GLU A 27 4.75 5.94 13.14
C GLU A 27 4.58 7.22 12.34
N ALA A 28 4.50 7.09 11.01
CA ALA A 28 4.28 8.25 10.16
C ALA A 28 2.93 8.95 10.42
N ILE A 29 1.84 8.19 10.53
CA ILE A 29 0.52 8.75 10.86
C ILE A 29 0.56 9.45 12.23
N ASP A 30 1.15 8.78 13.22
CA ASP A 30 1.22 9.31 14.58
C ASP A 30 2.04 10.61 14.64
N THR A 31 3.19 10.61 13.96
CA THR A 31 4.06 11.81 13.89
C THR A 31 3.32 13.01 13.29
N TYR A 32 2.65 12.79 12.16
CA TYR A 32 1.92 13.87 11.52
C TYR A 32 0.79 14.41 12.41
N CYS A 33 0.07 13.50 13.07
CA CYS A 33 -1.07 13.90 13.89
C CYS A 33 -0.66 14.51 15.23
N GLU A 34 0.48 14.07 15.78
CA GLU A 34 1.11 14.71 16.94
C GLU A 34 1.59 16.12 16.62
N GLN A 35 2.17 16.29 15.44
CA GLN A 35 2.93 17.49 15.10
C GLN A 35 2.22 18.54 14.24
N LYS A 36 1.27 18.11 13.40
CA LYS A 36 0.64 18.99 12.40
C LYS A 36 -0.88 19.10 12.50
N GLU A 37 -1.59 17.97 12.38
CA GLU A 37 -3.05 17.96 12.48
C GLU A 37 -3.54 16.81 13.32
N TRP A 38 -4.09 17.15 14.50
CA TRP A 38 -4.82 16.18 15.32
C TRP A 38 -5.82 15.43 14.45
N ALA A 39 -5.89 14.10 14.62
CA ALA A 39 -6.90 13.27 13.97
C ALA A 39 -7.31 12.14 14.91
N MET A 40 -8.48 11.54 14.65
CA MET A 40 -9.10 10.61 15.58
C MET A 40 -8.62 9.17 15.40
N ASN A 41 -7.33 8.99 15.10
CA ASN A 41 -6.73 7.66 15.10
C ASN A 41 -6.58 7.22 16.54
N VAL A 42 -6.77 5.94 16.83
CA VAL A 42 -6.60 5.44 18.21
C VAL A 42 -5.22 5.83 18.78
N GLY A 43 -4.21 5.92 17.89
CA GLY A 43 -2.91 6.48 18.29
C GLY A 43 -2.06 5.45 18.97
N ASP A 44 -0.82 5.82 19.31
CA ASP A 44 0.18 4.86 19.75
C ASP A 44 0.05 4.44 21.22
N LYS A 45 -0.33 5.37 22.10
CA LYS A 45 -0.50 5.07 23.52
C LYS A 45 -1.67 4.09 23.74
N LYS A 46 -2.86 4.41 23.22
CA LYS A 46 -4.00 3.50 23.34
C LYS A 46 -3.82 2.28 22.40
N GLY A 47 -3.10 2.50 21.29
CA GLY A 47 -2.66 1.40 20.41
C GLY A 47 -1.98 0.23 21.11
N LYS A 48 -1.18 0.51 22.14
CA LYS A 48 -0.49 -0.55 22.91
C LYS A 48 -1.46 -1.42 23.72
N ILE A 49 -2.51 -0.79 24.25
CA ILE A 49 -3.62 -1.50 24.87
C ILE A 49 -4.37 -2.35 23.83
N VAL A 50 -4.65 -1.79 22.68
CA VAL A 50 -5.23 -2.58 21.58
C VAL A 50 -4.33 -3.82 21.22
N ASP A 51 -3.02 -3.59 21.01
CA ASP A 51 -2.02 -4.65 20.82
C ASP A 51 -2.13 -5.74 21.89
N ALA A 52 -2.06 -5.33 23.16
CA ALA A 52 -2.07 -6.27 24.28
C ALA A 52 -3.33 -7.14 24.29
N VAL A 53 -4.48 -6.55 23.98
CA VAL A 53 -5.73 -7.31 23.88
C VAL A 53 -5.68 -8.35 22.75
N ILE A 54 -5.23 -7.93 21.56
CA ILE A 54 -5.06 -8.85 20.45
C ILE A 54 -4.06 -9.97 20.77
N GLN A 55 -2.93 -9.62 21.40
CA GLN A 55 -1.91 -10.62 21.72
C GLN A 55 -2.35 -11.64 22.79
N GLU A 56 -3.21 -11.20 23.70
CA GLU A 56 -3.75 -12.12 24.71
C GLU A 56 -4.81 -13.04 24.09
N HIS A 57 -5.75 -12.49 23.35
CA HIS A 57 -6.90 -13.29 22.94
C HIS A 57 -6.77 -13.94 21.57
N GLN A 58 -5.81 -13.44 20.78
CA GLN A 58 -5.43 -14.02 19.49
C GLN A 58 -6.63 -14.34 18.58
N PRO A 59 -7.40 -13.30 18.22
CA PRO A 59 -8.60 -13.46 17.38
C PRO A 59 -8.27 -13.87 15.94
N SER A 60 -9.13 -14.71 15.35
CA SER A 60 -8.98 -15.11 13.94
C SER A 60 -10.02 -14.44 13.08
N VAL A 61 -11.17 -14.12 13.67
CA VAL A 61 -12.21 -13.36 13.02
C VAL A 61 -12.43 -12.09 13.81
N LEU A 62 -11.92 -10.98 13.29
CA LEU A 62 -11.99 -9.71 13.98
C LEU A 62 -12.88 -8.75 13.20
N LEU A 63 -13.69 -7.97 13.91
CA LEU A 63 -14.55 -6.95 13.33
C LEU A 63 -14.21 -5.58 13.88
N GLU A 64 -14.11 -4.59 13.01
CA GLU A 64 -13.86 -3.22 13.42
C GLU A 64 -14.98 -2.32 12.91
N LEU A 65 -15.46 -1.46 13.81
CA LEU A 65 -16.49 -0.48 13.46
C LEU A 65 -15.90 0.91 13.44
N GLY A 66 -15.80 1.50 12.23
CA GLY A 66 -15.14 2.79 12.04
C GLY A 66 -13.68 2.59 11.64
N ALA A 67 -13.39 2.74 10.35
CA ALA A 67 -12.04 2.50 9.82
C ALA A 67 -11.23 3.79 9.66
N TYR A 68 -11.92 4.88 9.29
CA TYR A 68 -11.30 6.21 9.11
C TYR A 68 -10.18 6.21 8.03
N CYS A 69 -8.92 6.37 8.44
CA CYS A 69 -7.79 6.36 7.47
C CYS A 69 -7.05 5.01 7.41
N GLY A 70 -7.46 4.07 8.26
CA GLY A 70 -6.89 2.73 8.26
C GLY A 70 -5.89 2.47 9.34
N TYR A 71 -5.67 3.47 10.21
CA TYR A 71 -4.66 3.36 11.26
C TYR A 71 -4.82 2.11 12.17
N SER A 72 -6.00 1.91 12.75
CA SER A 72 -6.24 0.76 13.62
C SER A 72 -6.34 -0.60 12.87
N ALA A 73 -6.91 -0.58 11.67
CA ALA A 73 -6.89 -1.75 10.78
C ALA A 73 -5.47 -2.25 10.52
N VAL A 74 -4.56 -1.34 10.16
CA VAL A 74 -3.12 -1.67 10.04
C VAL A 74 -2.52 -2.14 11.35
N ARG A 75 -2.81 -1.42 12.42
CA ARG A 75 -2.31 -1.78 13.75
C ARG A 75 -2.69 -3.20 14.16
N MET A 76 -3.97 -3.56 13.96
CA MET A 76 -4.44 -4.88 14.36
C MET A 76 -4.06 -5.95 13.35
N ALA A 77 -4.19 -5.64 12.06
CA ALA A 77 -3.88 -6.61 11.00
C ALA A 77 -2.44 -7.13 11.06
N ARG A 78 -1.51 -6.28 11.48
CA ARG A 78 -0.09 -6.62 11.56
C ARG A 78 0.19 -7.68 12.63
N LEU A 79 -0.70 -7.80 13.61
CA LEU A 79 -0.49 -8.75 14.70
C LEU A 79 -1.17 -10.08 14.43
N LEU A 80 -2.04 -10.13 13.41
CA LEU A 80 -2.86 -11.31 13.16
C LEU A 80 -2.06 -12.41 12.46
N SER A 81 -2.47 -13.66 12.74
CA SER A 81 -1.82 -14.85 12.22
C SER A 81 -2.21 -15.12 10.77
N PRO A 82 -1.44 -15.97 10.07
CA PRO A 82 -1.85 -16.36 8.72
C PRO A 82 -3.26 -16.97 8.69
N GLY A 83 -4.10 -16.52 7.76
CA GLY A 83 -5.47 -17.02 7.67
C GLY A 83 -6.50 -16.24 8.49
N ALA A 84 -6.02 -15.37 9.38
CA ALA A 84 -6.89 -14.50 10.18
C ALA A 84 -7.53 -13.40 9.31
N ARG A 85 -8.74 -12.98 9.68
CA ARG A 85 -9.51 -11.99 8.92
C ARG A 85 -9.91 -10.79 9.78
N LEU A 86 -9.70 -9.60 9.24
CA LEU A 86 -10.20 -8.39 9.84
C LEU A 86 -11.22 -7.81 8.88
N ILE A 87 -12.46 -7.74 9.34
CA ILE A 87 -13.52 -7.09 8.61
C ILE A 87 -13.70 -5.73 9.27
N THR A 88 -13.55 -4.68 8.46
CA THR A 88 -13.73 -3.32 8.93
C THR A 88 -14.85 -2.60 8.15
N ILE A 89 -15.72 -1.90 8.87
CA ILE A 89 -16.92 -1.30 8.28
C ILE A 89 -16.80 0.20 8.42
N GLU A 90 -16.98 0.92 7.31
CA GLU A 90 -16.74 2.34 7.26
C GLU A 90 -17.84 3.01 6.46
N ILE A 91 -18.53 3.96 7.08
CA ILE A 91 -19.72 4.58 6.50
C ILE A 91 -19.40 5.61 5.39
N ASN A 92 -18.29 6.32 5.56
CA ASN A 92 -17.90 7.42 4.69
C ASN A 92 -17.00 6.87 3.57
N PRO A 93 -17.50 6.93 2.31
CA PRO A 93 -16.84 6.27 1.18
C PRO A 93 -15.47 6.87 0.87
N ASP A 94 -15.28 8.14 1.25
CA ASP A 94 -13.97 8.80 1.07
C ASP A 94 -12.94 8.33 2.09
N CYS A 95 -13.38 8.10 3.32
CA CYS A 95 -12.54 7.47 4.33
C CYS A 95 -12.14 6.07 3.91
N ALA A 96 -13.12 5.33 3.39
CA ALA A 96 -12.90 3.97 2.93
C ALA A 96 -11.81 3.92 1.86
N ALA A 97 -11.89 4.81 0.87
CA ALA A 97 -10.88 4.82 -0.21
C ALA A 97 -9.46 5.02 0.32
N ILE A 98 -9.30 5.93 1.29
CA ILE A 98 -8.04 6.14 2.01
C ILE A 98 -7.58 4.88 2.75
N THR A 99 -8.51 4.23 3.46
CA THR A 99 -8.23 3.00 4.22
C THR A 99 -7.66 1.90 3.33
N GLN A 100 -8.29 1.64 2.19
CA GLN A 100 -7.79 0.59 1.27
C GLN A 100 -6.35 0.89 0.82
N ARG A 101 -6.11 2.13 0.42
CA ARG A 101 -4.77 2.58 0.02
C ARG A 101 -3.75 2.41 1.15
N MET A 102 -4.18 2.73 2.38
CA MET A 102 -3.32 2.64 3.56
C MET A 102 -2.94 1.22 3.90
N VAL A 103 -3.93 0.33 3.79
CA VAL A 103 -3.81 -1.09 4.04
C VAL A 103 -2.94 -1.76 2.97
N ASP A 104 -3.15 -1.40 1.72
CA ASP A 104 -2.32 -1.86 0.60
C ASP A 104 -0.87 -1.41 0.74
N PHE A 105 -0.67 -0.13 1.05
CA PHE A 105 0.68 0.40 1.28
C PHE A 105 1.42 -0.36 2.38
N ALA A 106 0.72 -0.65 3.48
CA ALA A 106 1.34 -1.23 4.69
C ALA A 106 1.61 -2.71 4.58
N GLY A 107 1.05 -3.35 3.56
CA GLY A 107 1.35 -4.76 3.26
C GLY A 107 0.45 -5.76 3.97
N VAL A 108 -0.73 -5.31 4.39
CA VAL A 108 -1.69 -6.16 5.12
C VAL A 108 -3.00 -6.33 4.37
N LYS A 109 -2.95 -6.12 3.04
CA LYS A 109 -4.09 -6.25 2.14
C LYS A 109 -4.91 -7.55 2.30
N ASP A 110 -4.21 -8.68 2.41
CA ASP A 110 -4.86 -9.99 2.48
C ASP A 110 -5.51 -10.31 3.84
N LYS A 111 -5.23 -9.50 4.86
CA LYS A 111 -5.84 -9.69 6.17
C LYS A 111 -7.19 -8.96 6.28
N VAL A 112 -7.38 -7.98 5.41
CA VAL A 112 -8.46 -6.99 5.56
C VAL A 112 -9.59 -7.14 4.52
N THR A 113 -10.82 -7.15 5.02
CA THR A 113 -12.00 -6.96 4.19
C THR A 113 -12.67 -5.65 4.61
N LEU A 114 -12.55 -4.67 3.74
CA LEU A 114 -13.15 -3.37 3.96
C LEU A 114 -14.56 -3.36 3.37
N VAL A 115 -15.53 -2.94 4.16
CA VAL A 115 -16.91 -2.84 3.70
C VAL A 115 -17.38 -1.40 3.87
N VAL A 116 -17.92 -0.85 2.79
CA VAL A 116 -18.46 0.51 2.81
C VAL A 116 -19.93 0.49 3.14
N GLY A 117 -20.29 1.12 4.24
CA GLY A 117 -21.69 1.21 4.62
C GLY A 117 -21.78 1.36 6.11
N ALA A 118 -23.02 1.53 6.59
CA ALA A 118 -23.30 1.76 7.99
C ALA A 118 -23.29 0.43 8.70
N SER A 119 -22.58 0.36 9.83
CA SER A 119 -22.52 -0.82 10.71
C SER A 119 -23.91 -1.41 11.03
N GLN A 120 -24.88 -0.57 11.37
CA GLN A 120 -26.24 -1.06 11.61
C GLN A 120 -26.83 -1.79 10.41
N ASP A 121 -26.46 -1.38 9.19
CA ASP A 121 -26.88 -2.07 7.97
C ASP A 121 -26.02 -3.29 7.62
N ILE A 122 -24.72 -3.21 7.88
CA ILE A 122 -23.77 -4.28 7.47
C ILE A 122 -23.69 -5.44 8.46
N ILE A 123 -23.76 -5.14 9.77
CA ILE A 123 -23.70 -6.17 10.83
C ILE A 123 -24.68 -7.33 10.56
N PRO A 124 -25.96 -7.03 10.27
CA PRO A 124 -26.89 -8.14 10.03
C PRO A 124 -26.69 -8.87 8.70
N GLN A 125 -25.73 -8.41 7.88
CA GLN A 125 -25.39 -9.09 6.63
C GLN A 125 -24.18 -9.97 6.77
N LEU A 126 -23.49 -9.89 7.90
CA LEU A 126 -22.22 -10.60 8.06
C LEU A 126 -22.34 -12.11 7.84
N LYS A 127 -23.40 -12.71 8.39
CA LYS A 127 -23.66 -14.14 8.22
C LYS A 127 -23.98 -14.49 6.77
N LYS A 128 -24.88 -13.71 6.17
CA LYS A 128 -25.31 -13.94 4.78
C LYS A 128 -24.23 -13.63 3.73
N LYS A 129 -23.56 -12.49 3.84
CA LYS A 129 -22.64 -12.02 2.78
C LYS A 129 -21.15 -12.25 3.02
N TYR A 130 -20.72 -12.34 4.29
CA TYR A 130 -19.27 -12.28 4.61
C TYR A 130 -18.70 -13.53 5.27
N ASP A 131 -19.45 -14.64 5.24
CA ASP A 131 -18.91 -15.94 5.65
C ASP A 131 -18.67 -16.01 7.17
N VAL A 132 -19.38 -15.19 7.94
CA VAL A 132 -19.22 -15.18 9.38
C VAL A 132 -20.23 -16.10 10.06
N ASP A 133 -19.70 -16.92 10.98
CA ASP A 133 -20.53 -17.63 11.94
C ASP A 133 -20.65 -16.73 13.19
N THR A 134 -19.66 -16.81 14.08
CA THR A 134 -19.58 -15.89 15.23
C THR A 134 -18.21 -15.20 15.24
N LEU A 135 -18.14 -14.08 15.96
CA LEU A 135 -16.94 -13.23 15.99
C LEU A 135 -16.05 -13.57 17.16
N ASP A 136 -14.74 -13.50 16.94
CA ASP A 136 -13.78 -13.69 18.02
C ASP A 136 -13.59 -12.41 18.83
N MET A 137 -13.60 -11.28 18.13
CA MET A 137 -13.33 -9.97 18.71
C MET A 137 -13.95 -8.87 17.85
N VAL A 138 -14.44 -7.83 18.54
CA VAL A 138 -14.95 -6.61 17.89
C VAL A 138 -14.26 -5.39 18.46
N PHE A 139 -13.75 -4.52 17.58
CA PHE A 139 -13.23 -3.21 17.96
C PHE A 139 -14.27 -2.14 17.61
N LEU A 140 -14.85 -1.54 18.65
CA LEU A 140 -15.83 -0.48 18.49
C LEU A 140 -15.10 0.84 18.55
N ASP A 141 -15.19 1.62 17.48
CA ASP A 141 -14.46 2.89 17.42
C ASP A 141 -15.12 3.87 16.43
N HIS A 142 -16.43 3.76 16.28
CA HIS A 142 -17.22 4.62 15.37
C HIS A 142 -17.90 5.76 16.15
N TRP A 143 -19.01 6.31 15.66
CA TRP A 143 -19.73 7.34 16.46
C TRP A 143 -20.24 6.71 17.77
N LYS A 144 -19.96 7.40 18.87
CA LYS A 144 -20.09 6.77 20.21
C LYS A 144 -21.53 6.42 20.59
N ASP A 145 -22.50 7.10 19.98
CA ASP A 145 -23.91 6.83 20.24
C ASP A 145 -24.39 5.55 19.54
N ARG A 146 -23.50 4.94 18.75
CA ARG A 146 -23.78 3.66 18.10
C ARG A 146 -23.26 2.48 18.92
N TYR A 147 -22.41 2.71 19.91
CA TYR A 147 -21.85 1.60 20.71
C TYR A 147 -22.95 0.69 21.29
N LEU A 148 -23.91 1.30 22.01
CA LEU A 148 -24.96 0.52 22.65
C LEU A 148 -25.85 -0.23 21.64
N PRO A 149 -26.50 0.51 20.70
CA PRO A 149 -27.37 -0.20 19.76
C PRO A 149 -26.65 -1.23 18.87
N ASP A 150 -25.39 -1.00 18.53
CA ASP A 150 -24.62 -1.98 17.75
C ASP A 150 -24.23 -3.22 18.57
N THR A 151 -23.93 -3.03 19.86
CA THR A 151 -23.69 -4.18 20.77
C THR A 151 -24.97 -5.03 20.90
N LEU A 152 -26.11 -4.37 21.11
CA LEU A 152 -27.41 -5.05 21.17
C LEU A 152 -27.69 -5.75 19.86
N LEU A 153 -27.35 -5.11 18.73
CA LEU A 153 -27.58 -5.71 17.41
C LEU A 153 -26.68 -6.91 17.14
N LEU A 154 -25.41 -6.81 17.52
CA LEU A 154 -24.48 -7.94 17.42
C LEU A 154 -24.99 -9.18 18.16
N GLU A 155 -25.46 -8.97 19.39
CA GLU A 155 -26.00 -10.08 20.19
C GLU A 155 -27.22 -10.70 19.52
N GLU A 156 -28.20 -9.85 19.18
CA GLU A 156 -29.42 -10.28 18.53
C GLU A 156 -29.20 -11.03 17.21
N CYS A 157 -28.21 -10.57 16.43
CA CYS A 157 -27.87 -11.20 15.15
C CYS A 157 -27.20 -12.55 15.28
N GLY A 158 -26.90 -12.98 16.51
CA GLY A 158 -26.24 -14.27 16.75
C GLY A 158 -24.74 -14.29 16.55
N LEU A 159 -24.11 -13.12 16.57
CA LEU A 159 -22.69 -12.99 16.20
C LEU A 159 -21.73 -13.07 17.39
N LEU A 160 -22.29 -13.05 18.59
CA LEU A 160 -21.49 -13.21 19.80
C LEU A 160 -21.59 -14.65 20.33
N ARG A 161 -20.48 -15.18 20.82
CA ARG A 161 -20.46 -16.48 21.47
C ARG A 161 -19.77 -16.32 22.82
N LYS A 162 -19.87 -17.34 23.68
CA LYS A 162 -19.07 -17.35 24.91
C LYS A 162 -17.59 -17.15 24.56
N GLY A 163 -17.00 -16.08 25.11
CA GLY A 163 -15.62 -15.73 24.81
C GLY A 163 -15.40 -14.65 23.76
N THR A 164 -16.43 -14.26 23.03
CA THR A 164 -16.29 -13.10 22.12
C THR A 164 -15.81 -11.87 22.92
N VAL A 165 -14.75 -11.23 22.41
CA VAL A 165 -14.14 -10.06 23.05
C VAL A 165 -14.62 -8.75 22.38
N LEU A 166 -15.25 -7.85 23.15
CA LEU A 166 -15.50 -6.48 22.65
C LEU A 166 -14.50 -5.54 23.26
N LEU A 167 -13.92 -4.68 22.42
CA LEU A 167 -13.03 -3.64 22.93
C LEU A 167 -13.51 -2.33 22.34
N ALA A 168 -13.80 -1.36 23.21
CA ALA A 168 -14.36 -0.08 22.82
C ALA A 168 -13.43 1.06 23.19
N ASP A 169 -13.05 1.85 22.19
CA ASP A 169 -12.22 3.04 22.43
C ASP A 169 -13.12 4.19 22.90
N ASN A 170 -12.55 5.19 23.57
CA ASN A 170 -13.25 6.46 23.84
C ASN A 170 -14.45 6.37 24.77
N VAL A 171 -14.40 5.46 25.74
CA VAL A 171 -15.53 5.26 26.64
C VAL A 171 -15.62 6.37 27.68
N ILE A 172 -14.58 7.22 27.73
CA ILE A 172 -14.54 8.40 28.58
C ILE A 172 -14.63 9.70 27.77
N CYS A 173 -13.77 9.84 26.75
CA CYS A 173 -13.81 11.01 25.88
C CYS A 173 -13.69 10.62 24.41
N PRO A 174 -14.72 10.94 23.59
CA PRO A 174 -15.97 11.66 23.94
C PRO A 174 -16.95 10.93 24.87
N GLY A 175 -16.79 9.63 25.04
CA GLY A 175 -17.55 8.92 26.06
C GLY A 175 -18.67 8.08 25.51
N ALA A 176 -18.98 7.02 26.23
CA ALA A 176 -20.10 6.15 25.89
C ALA A 176 -20.72 5.60 27.18
N PRO A 177 -21.30 6.48 28.03
CA PRO A 177 -21.81 6.04 29.36
C PRO A 177 -22.96 5.02 29.30
N ASP A 178 -23.85 5.13 28.32
CA ASP A 178 -24.95 4.16 28.10
C ASP A 178 -24.47 2.76 27.75
N PHE A 179 -23.50 2.67 26.83
CA PHE A 179 -22.79 1.43 26.54
C PHE A 179 -22.12 0.86 27.79
N LEU A 180 -21.41 1.68 28.57
CA LEU A 180 -20.76 1.20 29.80
C LEU A 180 -21.76 0.65 30.83
N ALA A 181 -22.85 1.39 31.08
CA ALA A 181 -23.92 0.96 31.99
C ALA A 181 -24.48 -0.39 31.55
N HIS A 182 -24.68 -0.55 30.24
CA HIS A 182 -25.14 -1.84 29.72
C HIS A 182 -24.18 -3.03 29.92
N VAL A 183 -22.96 -2.93 29.42
CA VAL A 183 -22.02 -4.08 29.51
C VAL A 183 -21.61 -4.38 30.96
N ARG A 184 -21.35 -3.34 31.74
CA ARG A 184 -21.00 -3.53 33.16
C ARG A 184 -22.19 -4.02 33.99
N GLY A 185 -23.39 -3.57 33.64
CA GLY A 185 -24.60 -3.94 34.36
C GLY A 185 -25.23 -5.27 33.96
N SER A 186 -24.68 -5.89 32.93
CA SER A 186 -25.23 -7.14 32.41
C SER A 186 -24.33 -8.32 32.77
N SER A 187 -24.92 -9.38 33.30
CA SER A 187 -24.15 -10.58 33.68
C SER A 187 -23.63 -11.37 32.46
N CYS A 188 -24.07 -10.96 31.27
CA CYS A 188 -23.57 -11.53 30.01
C CYS A 188 -22.20 -11.03 29.56
N PHE A 189 -21.65 -10.06 30.30
CA PHE A 189 -20.31 -9.53 30.00
C PHE A 189 -19.43 -9.50 31.23
N GLU A 190 -18.16 -9.82 31.05
CA GLU A 190 -17.17 -9.54 32.06
C GLU A 190 -16.28 -8.42 31.52
N CYS A 191 -16.24 -7.31 32.27
CA CYS A 191 -15.64 -6.06 31.82
C CYS A 191 -14.35 -5.68 32.52
N THR A 192 -13.49 -4.98 31.79
CA THR A 192 -12.23 -4.44 32.31
C THR A 192 -12.04 -3.06 31.70
N HIS A 193 -11.69 -2.10 32.53
CA HIS A 193 -11.40 -0.75 32.08
C HIS A 193 -9.89 -0.50 31.97
N TYR A 194 -9.48 0.16 30.90
CA TYR A 194 -8.11 0.58 30.73
C TYR A 194 -8.05 2.10 30.63
N GLN A 195 -7.68 2.75 31.72
CA GLN A 195 -7.57 4.20 31.73
C GLN A 195 -6.32 4.62 30.99
N SER A 196 -6.48 5.60 30.11
CA SER A 196 -5.40 6.11 29.29
C SER A 196 -5.65 7.59 28.99
N PHE A 197 -5.39 8.02 27.75
CA PHE A 197 -5.51 9.42 27.38
C PHE A 197 -6.07 9.48 25.98
N LEU A 198 -6.79 10.56 25.68
CA LEU A 198 -7.25 10.79 24.30
C LEU A 198 -6.01 10.88 23.36
N GLU A 199 -6.09 10.27 22.18
CA GLU A 199 -4.96 10.29 21.22
C GLU A 199 -4.32 11.69 21.11
N TYR A 200 -2.99 11.73 21.23
CA TYR A 200 -2.18 12.95 20.98
C TYR A 200 -2.43 14.06 22.00
N ARG A 201 -3.08 13.72 23.12
CA ARG A 201 -3.48 14.72 24.12
C ARG A 201 -3.22 14.25 25.54
N GLU A 202 -3.45 15.16 26.49
CA GLU A 202 -3.32 14.90 27.93
C GLU A 202 -4.68 14.76 28.61
N VAL A 203 -5.73 14.88 27.82
CA VAL A 203 -7.09 14.60 28.29
C VAL A 203 -7.23 13.11 28.63
N VAL A 204 -7.79 12.84 29.82
CA VAL A 204 -8.05 11.47 30.24
C VAL A 204 -9.11 10.79 29.34
N ASP A 205 -8.82 9.56 28.93
CA ASP A 205 -9.77 8.75 28.18
C ASP A 205 -9.58 7.29 28.65
N GLY A 206 -10.34 6.35 28.11
CA GLY A 206 -10.15 4.96 28.44
C GLY A 206 -10.78 4.01 27.44
N LEU A 207 -10.37 2.74 27.51
CA LEU A 207 -10.96 1.68 26.71
C LEU A 207 -11.66 0.74 27.68
N GLU A 208 -12.67 0.04 27.18
CA GLU A 208 -13.34 -0.98 27.95
C GLU A 208 -13.27 -2.28 27.17
N LYS A 209 -12.85 -3.34 27.85
CA LYS A 209 -12.93 -4.65 27.27
C LYS A 209 -14.13 -5.33 27.90
N ALA A 210 -14.97 -5.93 27.08
CA ALA A 210 -16.13 -6.66 27.57
C ALA A 210 -16.18 -8.04 26.92
N ILE A 211 -16.00 -9.07 27.73
CA ILE A 211 -16.06 -10.47 27.23
C ILE A 211 -17.46 -11.02 27.39
N TYR A 212 -18.06 -11.41 26.27
CA TYR A 212 -19.35 -12.11 26.28
C TYR A 212 -19.25 -13.48 26.96
N LYS A 213 -20.18 -13.74 27.88
CA LYS A 213 -20.20 -15.00 28.63
C LYS A 213 -21.13 -16.03 27.98
N GLY A 214 -21.85 -15.63 26.94
CA GLY A 214 -22.95 -16.43 26.41
C GLY A 214 -24.29 -15.86 26.86
N PRO A 215 -25.40 -16.29 26.21
CA PRO A 215 -26.74 -15.78 26.52
C PRO A 215 -27.40 -16.46 27.74
N GLY B 2 26.41 13.00 0.43
CA GLY B 2 25.58 11.89 0.99
C GLY B 2 24.42 12.43 1.81
N ASP B 3 23.95 13.62 1.42
CA ASP B 3 22.81 14.24 2.10
C ASP B 3 21.64 13.29 2.08
N THR B 4 21.18 12.92 0.88
CA THR B 4 19.99 12.08 0.70
C THR B 4 20.32 10.60 0.58
N LYS B 5 19.30 9.76 0.83
CA LYS B 5 19.39 8.32 0.63
C LYS B 5 19.90 7.99 -0.79
N GLU B 6 19.41 8.76 -1.77
CA GLU B 6 19.73 8.58 -3.18
C GLU B 6 21.21 8.87 -3.48
N GLN B 7 21.71 9.98 -2.92
CA GLN B 7 23.11 10.33 -3.00
C GLN B 7 23.97 9.24 -2.34
N ARG B 8 23.50 8.71 -1.21
CA ARG B 8 24.23 7.67 -0.49
C ARG B 8 24.27 6.34 -1.25
N ILE B 9 23.20 6.05 -1.99
CA ILE B 9 23.13 4.88 -2.86
C ILE B 9 24.14 5.01 -4.01
N LEU B 10 24.17 6.17 -4.66
CA LEU B 10 25.15 6.48 -5.68
C LEU B 10 26.58 6.40 -5.12
N ASN B 11 26.86 7.13 -4.03
CA ASN B 11 28.17 7.05 -3.35
C ASN B 11 28.68 5.64 -3.13
N HIS B 12 27.80 4.73 -2.69
CA HIS B 12 28.13 3.33 -2.47
C HIS B 12 28.55 2.63 -3.77
N VAL B 13 27.88 2.96 -4.87
CA VAL B 13 28.21 2.42 -6.18
C VAL B 13 29.60 2.92 -6.65
N LEU B 14 29.85 4.22 -6.54
CA LEU B 14 31.15 4.81 -6.84
C LEU B 14 32.28 4.15 -6.03
N GLN B 15 31.97 3.74 -4.80
CA GLN B 15 32.96 3.14 -3.91
C GLN B 15 33.23 1.67 -4.19
N HIS B 16 32.21 0.94 -4.65
CA HIS B 16 32.33 -0.51 -4.70
C HIS B 16 32.18 -1.14 -6.09
N ALA B 17 31.39 -0.51 -6.96
CA ALA B 17 31.13 -1.11 -8.27
C ALA B 17 32.23 -0.82 -9.31
N GLU B 18 32.25 -1.65 -10.35
CA GLU B 18 33.19 -1.57 -11.45
C GLU B 18 32.58 -0.80 -12.64
N PRO B 19 33.21 0.32 -13.06
CA PRO B 19 32.72 1.10 -14.22
C PRO B 19 32.51 0.24 -15.47
N GLY B 20 31.46 0.53 -16.22
CA GLY B 20 31.14 -0.24 -17.42
C GLY B 20 30.62 -1.66 -17.19
N ASN B 21 30.41 -2.03 -15.93
CA ASN B 21 29.95 -3.35 -15.53
C ASN B 21 28.55 -3.24 -14.88
N ALA B 22 27.51 -3.35 -15.69
CA ALA B 22 26.11 -3.23 -15.27
C ALA B 22 25.71 -4.18 -14.12
N GLN B 23 26.07 -5.46 -14.23
CA GLN B 23 25.81 -6.43 -13.14
C GLN B 23 26.46 -5.98 -11.83
N SER B 24 27.70 -5.51 -11.92
CA SER B 24 28.41 -5.01 -10.76
C SER B 24 27.68 -3.83 -10.10
N VAL B 25 27.16 -2.92 -10.93
CA VAL B 25 26.37 -1.78 -10.46
C VAL B 25 25.07 -2.24 -9.76
N LEU B 26 24.39 -3.19 -10.36
CA LEU B 26 23.12 -3.71 -9.81
C LEU B 26 23.33 -4.40 -8.46
N GLU B 27 24.42 -5.15 -8.37
CA GLU B 27 24.77 -5.88 -7.16
C GLU B 27 25.10 -4.96 -6.01
N ALA B 28 25.82 -3.88 -6.32
CA ALA B 28 26.19 -2.91 -5.30
C ALA B 28 24.94 -2.17 -4.77
N ILE B 29 24.04 -1.79 -5.66
CA ILE B 29 22.78 -1.14 -5.25
C ILE B 29 21.97 -2.09 -4.35
N ASP B 30 21.80 -3.33 -4.80
CA ASP B 30 21.02 -4.34 -4.07
C ASP B 30 21.61 -4.65 -2.70
N THR B 31 22.93 -4.79 -2.63
CA THR B 31 23.63 -5.05 -1.38
C THR B 31 23.43 -3.92 -0.39
N TYR B 32 23.58 -2.68 -0.87
CA TYR B 32 23.38 -1.52 -0.02
C TYR B 32 21.95 -1.45 0.53
N CYS B 33 20.99 -1.85 -0.30
CA CYS B 33 19.61 -1.72 0.09
C CYS B 33 19.15 -2.87 0.97
N GLU B 34 19.75 -4.05 0.78
CA GLU B 34 19.53 -5.20 1.66
C GLU B 34 20.13 -4.98 3.06
N GLN B 35 21.23 -4.24 3.12
CA GLN B 35 22.02 -4.16 4.34
C GLN B 35 21.99 -2.82 5.08
N LYS B 36 21.88 -1.70 4.36
CA LYS B 36 21.94 -0.39 5.01
C LYS B 36 20.59 0.36 5.02
N GLU B 37 20.05 0.66 3.85
CA GLU B 37 18.82 1.43 3.75
C GLU B 37 17.94 0.90 2.65
N TRP B 38 16.75 0.43 3.03
CA TRP B 38 15.72 0.05 2.07
C TRP B 38 15.51 1.14 1.02
N ALA B 39 15.27 0.75 -0.22
CA ALA B 39 14.89 1.72 -1.26
C ALA B 39 14.01 1.06 -2.28
N MET B 40 13.23 1.87 -3.00
CA MET B 40 12.21 1.38 -3.92
C MET B 40 12.69 0.96 -5.33
N ASN B 41 13.91 0.40 -5.43
CA ASN B 41 14.37 -0.20 -6.69
C ASN B 41 13.62 -1.50 -6.90
N VAL B 42 13.41 -1.91 -8.16
CA VAL B 42 12.69 -3.15 -8.44
C VAL B 42 13.36 -4.38 -7.78
N GLY B 43 14.69 -4.31 -7.61
CA GLY B 43 15.45 -5.30 -6.86
C GLY B 43 15.86 -6.48 -7.70
N ASP B 44 16.60 -7.41 -7.10
CA ASP B 44 17.13 -8.55 -7.84
C ASP B 44 16.11 -9.66 -8.12
N LYS B 45 15.21 -9.90 -7.17
CA LYS B 45 14.20 -10.97 -7.31
C LYS B 45 13.21 -10.65 -8.43
N LYS B 46 12.52 -9.52 -8.31
CA LYS B 46 11.57 -9.08 -9.34
C LYS B 46 12.31 -8.63 -10.59
N GLY B 47 13.58 -8.28 -10.42
CA GLY B 47 14.48 -7.96 -11.55
C GLY B 47 14.61 -9.13 -12.51
N LYS B 48 14.70 -10.35 -11.97
CA LYS B 48 14.76 -11.59 -12.78
C LYS B 48 13.53 -11.81 -13.65
N ILE B 49 12.40 -11.28 -13.19
CA ILE B 49 11.13 -11.39 -13.90
C ILE B 49 11.14 -10.40 -15.06
N VAL B 50 11.57 -9.17 -14.77
CA VAL B 50 11.79 -8.13 -15.79
C VAL B 50 12.76 -8.64 -16.87
N ASP B 51 13.90 -9.17 -16.45
CA ASP B 51 14.85 -9.84 -17.35
C ASP B 51 14.15 -10.82 -18.29
N ALA B 52 13.40 -11.76 -17.71
CA ALA B 52 12.66 -12.79 -18.45
C ALA B 52 11.66 -12.24 -19.45
N VAL B 53 10.95 -11.19 -19.07
CA VAL B 53 9.94 -10.57 -19.96
C VAL B 53 10.65 -9.94 -21.17
N ILE B 54 11.74 -9.24 -20.93
CA ILE B 54 12.57 -8.70 -22.00
C ILE B 54 13.13 -9.83 -22.88
N GLN B 55 13.67 -10.88 -22.26
CA GLN B 55 14.26 -11.98 -23.03
C GLN B 55 13.27 -12.74 -23.91
N GLU B 56 12.01 -12.81 -23.48
CA GLU B 56 10.96 -13.43 -24.28
C GLU B 56 10.54 -12.53 -25.43
N HIS B 57 10.15 -11.30 -25.11
CA HIS B 57 9.52 -10.43 -26.10
C HIS B 57 10.46 -9.62 -26.99
N GLN B 58 11.75 -9.58 -26.61
CA GLN B 58 12.81 -8.92 -27.39
C GLN B 58 12.44 -7.50 -27.89
N PRO B 59 12.09 -6.59 -26.97
CA PRO B 59 11.71 -5.23 -27.37
C PRO B 59 12.89 -4.42 -27.93
N SER B 60 12.61 -3.52 -28.87
CA SER B 60 13.63 -2.60 -29.42
C SER B 60 13.40 -1.18 -28.96
N VAL B 61 12.13 -0.84 -28.76
CA VAL B 61 11.73 0.47 -28.23
C VAL B 61 11.07 0.23 -26.87
N LEU B 62 11.80 0.57 -25.81
CA LEU B 62 11.32 0.44 -24.44
C LEU B 62 11.05 1.80 -23.79
N LEU B 63 9.95 1.89 -23.03
CA LEU B 63 9.66 3.06 -22.19
C LEU B 63 9.61 2.67 -20.71
N GLU B 64 10.26 3.46 -19.87
CA GLU B 64 10.17 3.29 -18.43
C GLU B 64 9.48 4.51 -17.82
N LEU B 65 8.57 4.26 -16.86
CA LEU B 65 7.92 5.33 -16.09
C LEU B 65 8.39 5.28 -14.65
N GLY B 66 9.20 6.27 -14.26
CA GLY B 66 9.86 6.29 -12.97
C GLY B 66 11.26 5.68 -12.99
N ALA B 67 12.28 6.52 -12.83
CA ALA B 67 13.68 6.09 -12.98
C ALA B 67 14.30 5.89 -11.63
N TYR B 68 13.94 6.80 -10.73
CA TYR B 68 14.50 6.87 -9.39
C TYR B 68 16.02 7.07 -9.44
N CYS B 69 16.80 6.04 -9.09
CA CYS B 69 18.26 6.13 -9.07
C CYS B 69 18.90 5.45 -10.28
N GLY B 70 18.08 4.87 -11.15
CA GLY B 70 18.57 4.26 -12.38
C GLY B 70 18.76 2.76 -12.34
N TYR B 71 18.37 2.11 -11.22
CA TYR B 71 18.53 0.67 -11.06
C TYR B 71 17.89 -0.13 -12.22
N SER B 72 16.60 0.07 -12.42
CA SER B 72 15.87 -0.67 -13.47
C SER B 72 16.26 -0.24 -14.89
N ALA B 73 16.64 1.03 -15.08
CA ALA B 73 17.16 1.49 -16.38
C ALA B 73 18.44 0.76 -16.73
N VAL B 74 19.34 0.64 -15.77
CA VAL B 74 20.59 -0.10 -15.94
C VAL B 74 20.31 -1.59 -16.13
N ARG B 75 19.33 -2.11 -15.38
CA ARG B 75 18.96 -3.51 -15.45
C ARG B 75 18.44 -3.86 -16.84
N MET B 76 17.55 -3.02 -17.36
CA MET B 76 16.94 -3.29 -18.65
C MET B 76 17.90 -3.01 -19.82
N ALA B 77 18.62 -1.88 -19.75
CA ALA B 77 19.52 -1.46 -20.83
C ALA B 77 20.63 -2.47 -21.12
N ARG B 78 21.07 -3.19 -20.09
CA ARG B 78 22.18 -4.13 -20.19
C ARG B 78 21.83 -5.34 -21.07
N LEU B 79 20.53 -5.54 -21.28
CA LEU B 79 19.99 -6.66 -22.07
C LEU B 79 19.66 -6.26 -23.51
N LEU B 80 19.73 -4.97 -23.83
CA LEU B 80 19.32 -4.49 -25.15
C LEU B 80 20.37 -4.68 -26.23
N SER B 81 19.91 -5.02 -27.43
CA SER B 81 20.78 -5.18 -28.59
C SER B 81 21.21 -3.84 -29.18
N PRO B 82 22.33 -3.83 -29.93
CA PRO B 82 22.70 -2.62 -30.67
C PRO B 82 21.52 -2.12 -31.50
N GLY B 83 21.20 -0.84 -31.38
CA GLY B 83 20.06 -0.27 -32.08
C GLY B 83 18.78 -0.24 -31.25
N ALA B 84 18.76 -0.95 -30.12
CA ALA B 84 17.60 -0.90 -29.20
C ALA B 84 17.73 0.31 -28.26
N ARG B 85 16.60 0.91 -27.90
CA ARG B 85 16.61 2.14 -27.09
C ARG B 85 15.64 2.07 -25.91
N LEU B 86 16.08 2.62 -24.79
CA LEU B 86 15.26 2.83 -23.61
C LEU B 86 15.07 4.34 -23.35
N ILE B 87 13.82 4.79 -23.40
CA ILE B 87 13.45 6.10 -22.91
C ILE B 87 12.91 5.92 -21.50
N THR B 88 13.45 6.69 -20.55
CA THR B 88 12.93 6.68 -19.20
C THR B 88 12.50 8.07 -18.78
N ILE B 89 11.30 8.16 -18.22
CA ILE B 89 10.72 9.44 -17.76
C ILE B 89 10.78 9.51 -16.22
N GLU B 90 11.29 10.63 -15.71
CA GLU B 90 11.47 10.84 -14.29
C GLU B 90 11.04 12.25 -13.95
N ILE B 91 10.09 12.39 -13.02
CA ILE B 91 9.48 13.68 -12.68
C ILE B 91 10.40 14.55 -11.80
N ASN B 92 11.19 13.89 -10.96
CA ASN B 92 12.02 14.55 -9.97
C ASN B 92 13.43 14.79 -10.52
N PRO B 93 13.82 16.08 -10.68
CA PRO B 93 15.12 16.42 -11.27
C PRO B 93 16.35 15.93 -10.48
N ASP B 94 16.22 15.82 -9.16
CA ASP B 94 17.29 15.31 -8.32
C ASP B 94 17.50 13.81 -8.53
N CYS B 95 16.41 13.07 -8.74
CA CYS B 95 16.46 11.65 -9.08
C CYS B 95 17.06 11.44 -10.48
N ALA B 96 16.60 12.26 -11.42
CA ALA B 96 17.07 12.26 -12.79
C ALA B 96 18.59 12.47 -12.84
N ALA B 97 19.10 13.41 -12.05
CA ALA B 97 20.55 13.68 -12.00
C ALA B 97 21.35 12.47 -11.49
N ILE B 98 20.82 11.75 -10.51
CA ILE B 98 21.45 10.51 -10.00
C ILE B 98 21.45 9.41 -11.05
N THR B 99 20.29 9.20 -11.65
CA THR B 99 20.08 8.24 -12.74
C THR B 99 21.05 8.42 -13.92
N GLN B 100 21.24 9.66 -14.37
CA GLN B 100 22.18 9.88 -15.48
C GLN B 100 23.60 9.47 -15.06
N ARG B 101 23.99 9.81 -13.83
CA ARG B 101 25.30 9.44 -13.30
C ARG B 101 25.48 7.92 -13.16
N MET B 102 24.38 7.25 -12.83
CA MET B 102 24.35 5.81 -12.63
C MET B 102 24.47 5.06 -13.95
N VAL B 103 23.69 5.51 -14.93
CA VAL B 103 23.70 4.99 -16.30
C VAL B 103 25.08 5.16 -16.97
N ASP B 104 25.70 6.32 -16.77
CA ASP B 104 27.00 6.59 -17.33
C ASP B 104 28.06 5.68 -16.73
N PHE B 105 28.02 5.53 -15.40
CA PHE B 105 28.96 4.69 -14.66
C PHE B 105 28.87 3.23 -15.12
N ALA B 106 27.64 2.76 -15.35
CA ALA B 106 27.35 1.37 -15.70
C ALA B 106 27.69 1.03 -17.16
N GLY B 107 27.83 2.05 -18.00
CA GLY B 107 28.27 1.86 -19.37
C GLY B 107 27.13 1.76 -20.36
N VAL B 108 25.93 2.14 -19.93
CA VAL B 108 24.75 2.00 -20.78
C VAL B 108 24.23 3.35 -21.27
N LYS B 109 25.08 4.37 -21.17
CA LYS B 109 24.77 5.75 -21.59
C LYS B 109 24.11 5.87 -22.96
N ASP B 110 24.62 5.11 -23.93
CA ASP B 110 24.15 5.19 -25.32
C ASP B 110 22.83 4.47 -25.57
N LYS B 111 22.41 3.65 -24.62
CA LYS B 111 21.11 2.96 -24.70
C LYS B 111 19.95 3.77 -24.15
N VAL B 112 20.26 4.83 -23.41
CA VAL B 112 19.26 5.50 -22.56
C VAL B 112 19.02 6.96 -22.91
N THR B 113 17.73 7.29 -23.07
CA THR B 113 17.27 8.67 -23.18
C THR B 113 16.45 9.00 -21.92
N LEU B 114 17.06 9.81 -21.05
CA LEU B 114 16.40 10.24 -19.83
C LEU B 114 15.67 11.56 -20.08
N VAL B 115 14.37 11.57 -19.76
CA VAL B 115 13.52 12.77 -19.89
C VAL B 115 13.04 13.20 -18.52
N VAL B 116 13.35 14.44 -18.16
CA VAL B 116 12.92 15.03 -16.90
C VAL B 116 11.53 15.63 -17.13
N GLY B 117 10.54 15.12 -16.40
CA GLY B 117 9.18 15.64 -16.51
C GLY B 117 8.15 14.62 -16.04
N ALA B 118 6.90 15.06 -15.90
CA ALA B 118 5.77 14.18 -15.60
C ALA B 118 5.41 13.34 -16.82
N SER B 119 5.20 12.04 -16.60
CA SER B 119 4.74 11.12 -17.63
C SER B 119 3.51 11.63 -18.37
N GLN B 120 2.56 12.23 -17.64
CA GLN B 120 1.35 12.77 -18.27
C GLN B 120 1.66 13.91 -19.26
N ASP B 121 2.72 14.66 -19.01
CA ASP B 121 3.16 15.69 -19.95
C ASP B 121 4.07 15.16 -21.06
N ILE B 122 4.85 14.14 -20.76
CA ILE B 122 5.86 13.66 -21.72
C ILE B 122 5.32 12.64 -22.73
N ILE B 123 4.47 11.73 -22.26
CA ILE B 123 3.87 10.70 -23.10
C ILE B 123 3.23 11.26 -24.41
N PRO B 124 2.46 12.36 -24.33
CA PRO B 124 1.89 12.92 -25.58
C PRO B 124 2.91 13.59 -26.52
N GLN B 125 4.17 13.73 -26.09
CA GLN B 125 5.22 14.35 -26.94
C GLN B 125 6.16 13.30 -27.51
N LEU B 126 5.98 12.05 -27.11
CA LEU B 126 6.95 11.01 -27.46
C LEU B 126 7.14 10.85 -28.96
N LYS B 127 6.03 10.83 -29.73
CA LYS B 127 6.09 10.69 -31.18
C LYS B 127 6.77 11.88 -31.88
N LYS B 128 6.37 13.09 -31.50
CA LYS B 128 6.82 14.32 -32.17
C LYS B 128 8.23 14.76 -31.78
N LYS B 129 8.55 14.67 -30.49
CA LYS B 129 9.81 15.16 -29.94
C LYS B 129 10.88 14.09 -29.76
N TYR B 130 10.45 12.84 -29.56
CA TYR B 130 11.38 11.74 -29.20
C TYR B 130 11.51 10.66 -30.27
N ASP B 131 10.91 10.92 -31.45
CA ASP B 131 11.10 10.08 -32.63
C ASP B 131 10.55 8.65 -32.45
N VAL B 132 9.45 8.55 -31.70
CA VAL B 132 8.83 7.27 -31.44
C VAL B 132 7.76 7.01 -32.48
N ASP B 133 7.71 5.77 -32.96
CA ASP B 133 6.59 5.30 -33.75
C ASP B 133 5.59 4.65 -32.79
N THR B 134 5.81 3.38 -32.48
CA THR B 134 5.03 2.67 -31.44
C THR B 134 6.02 2.03 -30.46
N LEU B 135 5.56 1.74 -29.26
CA LEU B 135 6.42 1.15 -28.23
C LEU B 135 6.32 -0.38 -28.28
N ASP B 136 7.42 -1.04 -27.94
CA ASP B 136 7.42 -2.50 -27.86
C ASP B 136 7.10 -2.93 -26.44
N MET B 137 7.56 -2.13 -25.48
CA MET B 137 7.42 -2.44 -24.08
C MET B 137 7.44 -1.18 -23.20
N VAL B 138 6.57 -1.20 -22.19
CA VAL B 138 6.48 -0.16 -21.17
C VAL B 138 6.69 -0.77 -19.79
N PHE B 139 7.66 -0.24 -19.04
CA PHE B 139 7.82 -0.60 -17.65
C PHE B 139 7.19 0.47 -16.78
N LEU B 140 6.10 0.11 -16.11
CA LEU B 140 5.39 1.06 -15.26
C LEU B 140 5.83 0.85 -13.81
N ASP B 141 6.36 1.89 -13.19
CA ASP B 141 6.98 1.78 -11.87
C ASP B 141 7.04 3.15 -11.17
N HIS B 142 6.12 4.04 -11.50
CA HIS B 142 6.08 5.38 -10.89
C HIS B 142 5.04 5.40 -9.75
N TRP B 143 4.41 6.55 -9.46
CA TRP B 143 3.42 6.59 -8.36
C TRP B 143 2.21 5.76 -8.82
N LYS B 144 1.75 4.84 -7.96
CA LYS B 144 0.83 3.76 -8.40
C LYS B 144 -0.55 4.23 -8.86
N ASP B 145 -0.95 5.41 -8.40
CA ASP B 145 -2.22 6.00 -8.86
C ASP B 145 -2.13 6.50 -10.32
N ARG B 146 -0.93 6.52 -10.89
CA ARG B 146 -0.74 6.91 -12.30
C ARG B 146 -0.77 5.75 -13.28
N TYR B 147 -0.68 4.51 -12.77
CA TYR B 147 -0.70 3.35 -13.65
C TYR B 147 -1.86 3.37 -14.62
N LEU B 148 -3.08 3.57 -14.11
CA LEU B 148 -4.28 3.57 -14.96
C LEU B 148 -4.37 4.75 -15.93
N PRO B 149 -4.32 6.01 -15.44
CA PRO B 149 -4.43 7.12 -16.41
C PRO B 149 -3.34 7.14 -17.49
N ASP B 150 -2.14 6.65 -17.18
CA ASP B 150 -1.06 6.62 -18.17
C ASP B 150 -1.26 5.50 -19.19
N THR B 151 -1.80 4.37 -18.75
CA THR B 151 -2.13 3.27 -19.66
C THR B 151 -3.21 3.72 -20.67
N LEU B 152 -4.18 4.49 -20.20
CA LEU B 152 -5.21 5.05 -21.07
C LEU B 152 -4.63 6.11 -22.00
N LEU B 153 -3.70 6.91 -21.47
CA LEU B 153 -3.03 7.94 -22.26
C LEU B 153 -2.15 7.30 -23.34
N LEU B 154 -1.36 6.29 -22.98
CA LEU B 154 -0.55 5.55 -23.93
C LEU B 154 -1.35 5.10 -25.14
N GLU B 155 -2.48 4.43 -24.88
CA GLU B 155 -3.43 3.99 -25.91
C GLU B 155 -4.06 5.16 -26.69
N GLU B 156 -4.49 6.20 -25.97
CA GLU B 156 -5.06 7.41 -26.58
C GLU B 156 -4.07 8.12 -27.52
N CYS B 157 -2.79 7.99 -27.23
CA CYS B 157 -1.75 8.70 -27.98
C CYS B 157 -1.21 7.90 -29.17
N GLY B 158 -1.74 6.69 -29.35
CA GLY B 158 -1.36 5.83 -30.46
C GLY B 158 -0.01 5.15 -30.30
N LEU B 159 0.40 4.93 -29.07
CA LEU B 159 1.77 4.44 -28.79
C LEU B 159 1.81 2.94 -28.65
N LEU B 160 0.62 2.34 -28.55
CA LEU B 160 0.51 0.91 -28.41
C LEU B 160 0.16 0.29 -29.76
N ARG B 161 0.76 -0.87 -30.01
CA ARG B 161 0.44 -1.72 -31.16
C ARG B 161 0.11 -3.10 -30.59
N LYS B 162 -0.45 -3.95 -31.46
CA LYS B 162 -0.73 -5.34 -31.16
C LYS B 162 0.58 -6.05 -30.80
N GLY B 163 0.68 -6.52 -29.55
CA GLY B 163 1.91 -7.15 -29.05
C GLY B 163 2.82 -6.32 -28.15
N THR B 164 2.47 -5.05 -27.93
CA THR B 164 3.18 -4.22 -26.95
C THR B 164 3.01 -4.80 -25.54
N VAL B 165 4.13 -5.05 -24.86
CA VAL B 165 4.13 -5.51 -23.48
C VAL B 165 4.10 -4.33 -22.48
N LEU B 166 3.01 -4.22 -21.73
CA LEU B 166 3.01 -3.40 -20.52
C LEU B 166 3.45 -4.27 -19.34
N LEU B 167 4.54 -3.91 -18.66
CA LEU B 167 4.92 -4.59 -17.39
C LEU B 167 4.84 -3.61 -16.21
N ALA B 168 3.99 -3.93 -15.24
CA ALA B 168 3.73 -3.04 -14.12
C ALA B 168 4.24 -3.64 -12.82
N ASP B 169 5.16 -2.94 -12.15
CA ASP B 169 5.63 -3.38 -10.83
C ASP B 169 4.59 -2.99 -9.75
N ASN B 170 4.69 -3.65 -8.59
CA ASN B 170 3.90 -3.33 -7.38
C ASN B 170 2.38 -3.39 -7.53
N VAL B 171 1.86 -4.35 -8.29
CA VAL B 171 0.40 -4.39 -8.49
C VAL B 171 -0.35 -4.80 -7.22
N ILE B 172 0.37 -5.36 -6.26
CA ILE B 172 -0.14 -5.81 -4.96
C ILE B 172 0.18 -4.81 -3.84
N CYS B 173 1.49 -4.57 -3.62
CA CYS B 173 1.97 -3.60 -2.62
C CYS B 173 3.06 -2.64 -3.16
N PRO B 174 2.87 -1.31 -3.05
CA PRO B 174 1.73 -0.52 -2.53
C PRO B 174 0.41 -0.74 -3.27
N GLY B 175 0.46 -1.45 -4.41
CA GLY B 175 -0.73 -1.80 -5.18
C GLY B 175 -1.24 -0.83 -6.23
N ALA B 176 -1.86 -1.38 -7.28
CA ALA B 176 -2.56 -0.59 -8.31
C ALA B 176 -3.86 -1.30 -8.75
N PRO B 177 -4.84 -1.44 -7.81
CA PRO B 177 -6.04 -2.26 -8.11
C PRO B 177 -6.93 -1.72 -9.24
N ASP B 178 -7.01 -0.39 -9.40
CA ASP B 178 -7.77 0.18 -10.52
C ASP B 178 -7.16 -0.17 -11.89
N PHE B 179 -5.83 -0.18 -11.96
CA PHE B 179 -5.11 -0.60 -13.17
C PHE B 179 -5.38 -2.08 -13.46
N LEU B 180 -5.35 -2.90 -12.43
CA LEU B 180 -5.62 -4.33 -12.55
C LEU B 180 -7.00 -4.65 -13.09
N ALA B 181 -8.02 -3.97 -12.57
CA ALA B 181 -9.39 -4.18 -12.99
C ALA B 181 -9.54 -3.86 -14.48
N HIS B 182 -8.96 -2.73 -14.89
CA HIS B 182 -9.00 -2.29 -16.28
C HIS B 182 -8.39 -3.29 -17.25
N VAL B 183 -7.12 -3.66 -17.02
CA VAL B 183 -6.43 -4.55 -17.94
C VAL B 183 -6.94 -5.99 -17.88
N ARG B 184 -7.27 -6.46 -16.68
CA ARG B 184 -7.78 -7.81 -16.49
C ARG B 184 -9.20 -7.96 -17.04
N GLY B 185 -10.01 -6.91 -16.91
CA GLY B 185 -11.38 -6.94 -17.42
C GLY B 185 -11.54 -6.47 -18.85
N SER B 186 -10.44 -6.29 -19.57
CA SER B 186 -10.50 -5.83 -20.97
C SER B 186 -10.03 -6.88 -21.98
N SER B 187 -10.75 -6.95 -23.10
CA SER B 187 -10.37 -7.83 -24.22
C SER B 187 -9.15 -7.28 -24.99
N CYS B 188 -8.87 -5.99 -24.78
CA CYS B 188 -7.69 -5.32 -25.36
C CYS B 188 -6.37 -5.73 -24.71
N PHE B 189 -6.45 -6.41 -23.56
CA PHE B 189 -5.24 -6.86 -22.87
C PHE B 189 -5.30 -8.31 -22.48
N GLU B 190 -4.22 -9.03 -22.80
CA GLU B 190 -4.02 -10.40 -22.36
C GLU B 190 -3.04 -10.34 -21.18
N CYS B 191 -3.49 -10.78 -20.00
CA CYS B 191 -2.73 -10.57 -18.76
C CYS B 191 -2.19 -11.84 -18.12
N THR B 192 -0.97 -11.70 -17.58
CA THR B 192 -0.28 -12.71 -16.80
C THR B 192 0.10 -12.03 -15.49
N HIS B 193 -0.17 -12.70 -14.37
CA HIS B 193 0.28 -12.24 -13.07
C HIS B 193 1.55 -12.96 -12.65
N TYR B 194 2.49 -12.23 -12.04
CA TYR B 194 3.71 -12.84 -11.49
C TYR B 194 3.81 -12.51 -10.02
N GLN B 195 3.50 -13.48 -9.15
CA GLN B 195 3.63 -13.24 -7.72
C GLN B 195 5.07 -13.39 -7.26
N SER B 196 5.52 -12.41 -6.51
CA SER B 196 6.86 -12.42 -5.98
C SER B 196 6.85 -11.73 -4.63
N PHE B 197 7.95 -11.07 -4.30
CA PHE B 197 8.06 -10.34 -3.06
C PHE B 197 8.45 -8.88 -3.29
N LEU B 198 8.03 -8.02 -2.36
CA LEU B 198 8.48 -6.64 -2.36
C LEU B 198 9.99 -6.64 -2.22
N GLU B 199 10.66 -5.82 -3.04
CA GLU B 199 12.12 -5.72 -3.03
C GLU B 199 12.68 -5.67 -1.62
N TYR B 200 13.68 -6.53 -1.37
CA TYR B 200 14.46 -6.58 -0.12
C TYR B 200 13.66 -7.00 1.11
N ARG B 201 12.43 -7.46 0.89
CA ARG B 201 11.51 -7.77 1.97
C ARG B 201 10.81 -9.13 1.73
N GLU B 202 10.06 -9.58 2.73
CA GLU B 202 9.36 -10.85 2.65
C GLU B 202 7.88 -10.62 2.53
N VAL B 203 7.51 -9.37 2.32
CA VAL B 203 6.13 -9.00 2.04
C VAL B 203 5.79 -9.41 0.60
N VAL B 204 4.60 -9.99 0.44
CA VAL B 204 4.09 -10.42 -0.87
C VAL B 204 3.81 -9.23 -1.79
N ASP B 205 4.24 -9.36 -3.04
CA ASP B 205 3.99 -8.35 -4.07
C ASP B 205 3.94 -9.06 -5.38
N GLY B 206 3.62 -8.35 -6.46
CA GLY B 206 3.60 -8.93 -7.79
C GLY B 206 3.68 -7.96 -8.95
N LEU B 207 3.96 -8.51 -10.14
CA LEU B 207 3.96 -7.73 -11.36
C LEU B 207 2.85 -8.22 -12.27
N GLU B 208 2.32 -7.30 -13.08
CA GLU B 208 1.35 -7.66 -14.09
C GLU B 208 1.92 -7.38 -15.50
N LYS B 209 1.97 -8.43 -16.32
CA LYS B 209 2.21 -8.28 -17.75
C LYS B 209 0.88 -8.18 -18.47
N ALA B 210 0.69 -7.11 -19.24
CA ALA B 210 -0.51 -6.95 -20.02
C ALA B 210 -0.17 -6.68 -21.48
N ILE B 211 -0.31 -7.71 -22.34
CA ILE B 211 -0.09 -7.56 -23.78
C ILE B 211 -1.28 -6.87 -24.44
N TYR B 212 -1.02 -5.80 -25.20
CA TYR B 212 -2.04 -5.15 -26.00
C TYR B 212 -2.45 -6.02 -27.21
N LYS B 213 -3.75 -6.10 -27.45
CA LYS B 213 -4.30 -6.91 -28.55
C LYS B 213 -4.84 -6.05 -29.70
N GLY B 214 -4.86 -4.74 -29.52
CA GLY B 214 -5.43 -3.83 -30.51
C GLY B 214 -6.63 -3.14 -29.87
N PRO B 215 -7.10 -2.01 -30.47
CA PRO B 215 -8.23 -1.23 -29.91
C PRO B 215 -9.57 -1.97 -29.86
C12 43J C . -14.91 12.70 16.57
C13 43J C . -18.91 11.52 17.88
C18 43J C . -19.13 11.16 19.22
C14 43J C . -20.02 11.49 17.03
C15 43J C . -21.30 11.11 17.47
C16 43J C . -21.49 10.76 18.83
C11 43J C . -16.05 13.46 16.22
C9 43J C . -17.53 11.93 17.41
C1 43J C . -11.91 9.11 18.64
C6 43J C . -15.11 11.54 17.34
C4 43J C . -13.97 10.66 17.78
N 43J C . -13.00 11.22 18.54
C 43J C . -11.97 10.46 18.96
C2 43J C . -12.93 8.54 17.88
N3 43J C . -13.95 9.34 17.45
O 43J C . -12.81 7.23 17.62
O5 43J C . -10.91 8.32 19.06
C7 43J C . -14.98 8.71 16.63
C8 43J C . -16.39 11.18 17.76
C10 43J C . -17.31 13.08 16.64
C17 43J C . -20.39 10.79 19.70
MG MG D . -11.30 6.15 18.87
N SAM E . -10.72 3.13 14.20
CA SAM E . -10.00 4.22 13.50
C SAM E . -8.53 4.33 13.92
O SAM E . -8.18 4.26 15.11
OXT SAM E . -7.65 4.47 13.05
CB SAM E . -10.69 5.56 13.72
CG SAM E . -12.16 5.59 13.30
SD SAM E . -12.86 7.24 13.53
CE SAM E . -12.45 7.25 15.26
C5' SAM E . -14.65 6.96 13.46
C4' SAM E . -15.05 6.49 12.06
O4' SAM E . -16.26 5.76 12.11
C3' SAM E . -15.24 7.61 11.04
O3' SAM E . -14.46 7.25 9.92
C2' SAM E . -16.71 7.53 10.68
O2' SAM E . -16.90 7.79 9.31
C1' SAM E . -17.04 6.07 10.99
N9 SAM E . -18.43 5.77 11.35
C8 SAM E . -19.28 6.56 12.11
N7 SAM E . -20.45 5.90 12.23
C5 SAM E . -20.37 4.72 11.56
C6 SAM E . -21.26 3.68 11.36
N6 SAM E . -22.48 3.76 11.88
N1 SAM E . -20.88 2.58 10.63
C2 SAM E . -19.60 2.50 10.09
N3 SAM E . -18.71 3.53 10.31
C4 SAM E . -19.09 4.63 11.01
C12 43J F . 7.14 4.41 -2.43
C13 43J F . 3.31 5.79 -3.90
C18 43J F . 2.26 4.89 -4.11
C14 43J F . 3.07 7.14 -4.16
C15 43J F . 1.82 7.56 -4.64
C16 43J F . 0.78 6.65 -4.84
C11 43J F . 6.51 5.51 -1.85
C9 43J F . 4.63 5.32 -3.39
C1 43J F . 8.22 0.36 -5.22
C6 43J F . 6.51 3.77 -3.49
C4 43J F . 7.11 2.59 -4.14
N 43J F . 7.40 1.55 -3.32
C 43J F . 7.94 0.45 -3.87
C2 43J F . 7.92 1.44 -6.05
N3 43J F . 7.37 2.57 -5.49
O 43J F . 8.20 1.27 -7.34
O5 43J F . 8.76 -0.73 -5.78
C7 43J F . 7.09 3.70 -6.37
C8 43J F . 5.27 4.22 -3.95
C10 43J F . 5.27 5.95 -2.32
C17 43J F . 0.99 5.29 -4.57
MG MG G . 8.55 -0.69 -7.96
N SAM H . 11.97 1.96 -11.65
CA SAM H . 12.93 2.34 -10.59
C SAM H . 13.80 1.18 -10.20
O SAM H . 13.32 0.05 -10.08
OXT SAM H . 15.01 1.38 -9.99
CB SAM H . 12.22 2.85 -9.34
CG SAM H . 11.36 4.09 -9.60
SD SAM H . 10.59 4.62 -8.06
CE SAM H . 9.59 3.14 -8.11
C5' SAM H . 9.25 5.76 -8.51
C4' SAM H . 9.78 6.95 -9.31
O4' SAM H . 8.81 7.50 -10.15
C3' SAM H . 10.31 8.07 -8.42
O3' SAM H . 11.64 8.33 -8.84
C2' SAM H . 9.35 9.23 -8.71
O2' SAM H . 9.99 10.46 -8.65
C1' SAM H . 8.91 8.92 -10.12
N9 SAM H . 7.59 9.44 -10.54
C8 SAM H . 6.45 9.57 -9.77
N7 SAM H . 5.46 10.06 -10.55
C5 SAM H . 5.95 10.23 -11.81
C6 SAM H . 5.38 10.68 -12.99
N6 SAM H . 4.11 11.06 -13.04
N1 SAM H . 6.15 10.75 -14.13
C2 SAM H . 7.48 10.34 -14.12
N3 SAM H . 8.05 9.91 -12.95
C4 SAM H . 7.29 9.83 -11.81
#